data_8AXP
#
_entry.id   8AXP
#
_cell.length_a   43.440
_cell.length_b   71.510
_cell.length_c   146.990
_cell.angle_alpha   90.000
_cell.angle_beta   90.000
_cell.angle_gamma   90.000
#
_symmetry.space_group_name_H-M   'P 21 21 21'
#
loop_
_entity.id
_entity.type
_entity.pdbx_description
1 polymer 'Peptidyl-tRNA hydrolase'
2 non-polymer N-[4-(2-amino-1,3-thiazol-4-yl)phenyl]acetamide
3 non-polymer 'SULFATE ION'
4 water water
#
_entity_poly.entity_id   1
_entity_poly.type   'polypeptide(L)'
_entity_poly.pdbx_seq_one_letter_code
;MSNTIKMVVGLGNPGKEYEQTRHNAGFWFLDELAWKWKASFKEEKKFFGEVARAALPDGDVWLLKPATFMNRSGQAVAAL
AQFYKIKPEEILVVHDELDIPCGRIKFKLGGGNGGHNGLKDIQAKLGTADYYRLRLGIGHPGDRNLVVGYVLNKPSAEHR
RQIDDAVAKSLQAVPDIISGKWEEATRFLHSK
;
_entity_poly.pdbx_strand_id   B,A
#
loop_
_chem_comp.id
_chem_comp.type
_chem_comp.name
_chem_comp.formula
O0J non-polymer N-[4-(2-amino-1,3-thiazol-4-yl)phenyl]acetamide 'C11 H11 N3 O S'
SO4 non-polymer 'SULFATE ION' 'O4 S -2'
#
# COMPACT_ATOMS: atom_id res chain seq x y z
N ASN A 3 -7.50 13.26 -17.42
CA ASN A 3 -6.93 11.94 -17.61
C ASN A 3 -7.87 11.02 -18.38
N THR A 4 -7.44 9.78 -18.59
CA THR A 4 -8.26 8.73 -19.19
C THR A 4 -8.62 7.70 -18.12
N ILE A 5 -9.46 6.74 -18.52
CA ILE A 5 -10.08 5.80 -17.59
C ILE A 5 -10.83 6.59 -16.51
N LYS A 6 -12.16 6.60 -16.60
CA LYS A 6 -12.97 7.36 -15.67
C LYS A 6 -13.61 6.50 -14.58
N MET A 7 -13.68 5.18 -14.78
CA MET A 7 -14.35 4.33 -13.80
C MET A 7 -13.57 3.03 -13.67
N VAL A 8 -13.43 2.55 -12.43
CA VAL A 8 -12.80 1.27 -12.12
C VAL A 8 -13.82 0.41 -11.39
N VAL A 9 -13.97 -0.85 -11.83
CA VAL A 9 -15.01 -1.76 -11.36
C VAL A 9 -14.37 -3.02 -10.81
N GLY A 10 -14.83 -3.47 -9.65
CA GLY A 10 -14.44 -4.74 -9.08
C GLY A 10 -15.62 -5.70 -9.09
N LEU A 11 -15.35 -6.95 -9.45
CA LEU A 11 -16.38 -7.97 -9.59
C LEU A 11 -16.43 -8.87 -8.36
N GLY A 12 -17.63 -9.33 -8.04
CA GLY A 12 -17.82 -10.26 -6.94
C GLY A 12 -19.29 -10.66 -6.85
N ASN A 13 -19.57 -11.54 -5.87
CA ASN A 13 -20.91 -11.86 -5.45
C ASN A 13 -21.20 -11.21 -4.10
N PRO A 14 -22.45 -10.85 -3.82
CA PRO A 14 -22.79 -10.21 -2.55
C PRO A 14 -23.09 -11.21 -1.45
N GLY A 15 -22.94 -10.75 -0.22
CA GLY A 15 -23.13 -11.58 0.95
C GLY A 15 -21.81 -12.08 1.53
N LYS A 16 -21.86 -12.44 2.83
CA LYS A 16 -20.68 -12.95 3.53
C LYS A 16 -20.35 -14.39 3.15
N GLU A 17 -21.32 -15.16 2.66
CA GLU A 17 -21.06 -16.51 2.17
C GLU A 17 -20.20 -16.51 0.91
N TYR A 18 -20.01 -15.35 0.27
CA TYR A 18 -19.12 -15.22 -0.87
C TYR A 18 -17.94 -14.29 -0.58
N GLU A 19 -17.90 -13.65 0.60
CA GLU A 19 -16.92 -12.61 0.84
C GLU A 19 -15.49 -13.12 0.76
N GLN A 20 -15.28 -14.41 1.00
CA GLN A 20 -13.94 -14.98 1.04
C GLN A 20 -13.61 -15.84 -0.16
N THR A 21 -14.48 -15.92 -1.16
CA THR A 21 -14.30 -16.81 -2.29
C THR A 21 -13.42 -16.18 -3.36
N ARG A 22 -12.84 -17.04 -4.21
CA ARG A 22 -11.92 -16.56 -5.24
C ARG A 22 -12.61 -15.63 -6.23
N HIS A 23 -13.84 -15.97 -6.63
CA HIS A 23 -14.63 -15.16 -7.57
C HIS A 23 -14.83 -13.73 -7.11
N ASN A 24 -14.46 -13.40 -5.87
CA ASN A 24 -14.59 -12.04 -5.36
C ASN A 24 -13.26 -11.28 -5.39
N ALA A 25 -12.28 -11.78 -6.15
CA ALA A 25 -10.95 -11.17 -6.14
C ALA A 25 -11.00 -9.71 -6.55
N GLY A 26 -11.82 -9.38 -7.56
CA GLY A 26 -12.02 -8.00 -7.94
C GLY A 26 -12.38 -7.12 -6.76
N PHE A 27 -13.35 -7.57 -5.95
CA PHE A 27 -13.74 -6.78 -4.78
C PHE A 27 -12.53 -6.51 -3.90
N TRP A 28 -11.68 -7.54 -3.69
CA TRP A 28 -10.52 -7.39 -2.82
C TRP A 28 -9.61 -6.28 -3.32
N PHE A 29 -9.45 -6.15 -4.64
CA PHE A 29 -8.64 -5.06 -5.15
C PHE A 29 -9.30 -3.72 -4.83
N LEU A 30 -10.60 -3.61 -5.10
CA LEU A 30 -11.26 -2.31 -4.97
C LEU A 30 -11.24 -1.81 -3.53
N ASP A 31 -11.51 -2.69 -2.56
CA ASP A 31 -11.49 -2.29 -1.16
C ASP A 31 -10.14 -1.70 -0.77
N GLU A 32 -9.06 -2.13 -1.44
CA GLU A 32 -7.75 -1.51 -1.20
C GLU A 32 -7.50 -0.31 -2.10
N LEU A 33 -8.01 -0.31 -3.33
CA LEU A 33 -7.80 0.86 -4.18
C LEU A 33 -8.51 2.07 -3.58
N ALA A 34 -9.74 1.90 -3.10
CA ALA A 34 -10.41 2.91 -2.31
C ALA A 34 -9.53 3.43 -1.18
N TRP A 35 -8.78 2.53 -0.53
CA TRP A 35 -7.93 2.97 0.57
C TRP A 35 -6.83 3.89 0.06
N LYS A 36 -6.23 3.56 -1.08
CA LYS A 36 -5.14 4.36 -1.61
C LYS A 36 -5.58 5.79 -1.89
N TRP A 37 -6.85 5.97 -2.24
CA TRP A 37 -7.38 7.27 -2.66
C TRP A 37 -8.31 7.89 -1.64
N LYS A 38 -8.36 7.36 -0.42
CA LYS A 38 -9.12 7.92 0.69
C LYS A 38 -10.61 8.03 0.41
N ALA A 39 -11.15 7.22 -0.50
CA ALA A 39 -12.58 7.23 -0.78
C ALA A 39 -13.30 6.26 0.14
N SER A 40 -14.61 6.43 0.22
CA SER A 40 -15.48 5.60 1.04
C SER A 40 -16.67 5.17 0.20
N PHE A 41 -17.33 4.09 0.62
CA PHE A 41 -18.39 3.48 -0.17
C PHE A 41 -19.77 3.84 0.32
N LYS A 42 -20.65 4.19 -0.61
CA LYS A 42 -22.04 4.43 -0.29
C LYS A 42 -22.90 3.67 -1.27
N GLU A 43 -24.00 3.12 -0.78
CA GLU A 43 -24.92 2.38 -1.62
C GLU A 43 -25.74 3.32 -2.49
N GLU A 44 -25.62 3.17 -3.81
CA GLU A 44 -26.47 3.84 -4.77
C GLU A 44 -27.41 2.77 -5.35
N LYS A 45 -28.69 2.90 -4.99
CA LYS A 45 -29.74 2.05 -5.54
C LYS A 45 -29.85 2.22 -7.04
N LYS A 46 -29.73 3.46 -7.52
CA LYS A 46 -29.93 3.77 -8.93
C LYS A 46 -28.85 3.17 -9.81
N PHE A 47 -27.67 2.87 -9.25
CA PHE A 47 -26.58 2.23 -9.98
C PHE A 47 -26.44 0.76 -9.65
N PHE A 48 -27.30 0.24 -8.77
CA PHE A 48 -27.34 -1.19 -8.40
C PHE A 48 -26.06 -1.62 -7.71
N GLY A 49 -25.54 -0.80 -6.80
CA GLY A 49 -24.30 -1.20 -6.15
C GLY A 49 -23.75 -0.15 -5.22
N GLU A 50 -22.52 -0.39 -4.78
CA GLU A 50 -21.78 0.57 -3.96
C GLU A 50 -20.84 1.37 -4.86
N VAL A 51 -20.85 2.68 -4.68
CA VAL A 51 -20.05 3.60 -5.47
C VAL A 51 -19.17 4.43 -4.53
N ALA A 52 -18.10 4.98 -5.10
CA ALA A 52 -17.19 5.89 -4.41
C ALA A 52 -16.61 6.88 -5.40
N ARG A 53 -16.46 8.14 -4.96
CA ARG A 53 -15.80 9.17 -5.74
C ARG A 53 -14.35 9.28 -5.29
N ALA A 54 -13.43 9.20 -6.25
CA ALA A 54 -12.01 9.28 -5.96
C ALA A 54 -11.50 10.60 -6.49
N ALA A 55 -10.97 11.42 -5.59
CA ALA A 55 -10.48 12.76 -5.91
C ALA A 55 -9.10 12.67 -6.54
N LEU A 56 -9.01 13.09 -7.81
CA LEU A 56 -7.74 13.09 -8.52
C LEU A 56 -7.55 14.47 -9.13
N PRO A 57 -6.32 14.96 -9.18
CA PRO A 57 -6.08 16.30 -9.78
C PRO A 57 -6.57 16.41 -11.22
N ASP A 58 -6.38 15.38 -12.04
CA ASP A 58 -6.73 15.46 -13.46
C ASP A 58 -8.20 15.18 -13.75
N GLY A 59 -8.97 14.70 -12.78
CA GLY A 59 -10.37 14.36 -13.01
C GLY A 59 -10.81 13.25 -12.07
N ASP A 60 -12.03 13.34 -11.55
CA ASP A 60 -12.49 12.37 -10.56
C ASP A 60 -12.63 10.99 -11.21
N VAL A 61 -12.33 9.94 -10.46
CA VAL A 61 -12.50 8.57 -10.95
C VAL A 61 -13.53 7.86 -10.07
N TRP A 62 -14.47 7.18 -10.72
CA TRP A 62 -15.53 6.49 -10.02
C TRP A 62 -15.13 5.05 -9.71
N LEU A 63 -15.47 4.59 -8.52
CA LEU A 63 -15.24 3.22 -8.11
C LEU A 63 -16.59 2.54 -7.88
N LEU A 64 -16.73 1.33 -8.39
CA LEU A 64 -18.00 0.63 -8.36
C LEU A 64 -17.79 -0.83 -8.00
N LYS A 65 -18.53 -1.30 -7.00
CA LYS A 65 -18.72 -2.73 -6.78
C LYS A 65 -20.19 -3.06 -6.97
N PRO A 66 -20.55 -3.81 -8.01
CA PRO A 66 -21.97 -4.13 -8.23
C PRO A 66 -22.52 -5.06 -7.15
N ALA A 67 -23.81 -4.87 -6.83
CA ALA A 67 -24.55 -5.78 -5.97
C ALA A 67 -25.61 -6.56 -6.75
N THR A 68 -25.33 -6.84 -8.01
CA THR A 68 -26.27 -7.45 -8.95
C THR A 68 -26.25 -8.97 -8.95
N PHE A 69 -25.25 -9.57 -8.28
CA PHE A 69 -24.69 -10.89 -8.53
C PHE A 69 -23.86 -10.84 -9.81
N MET A 70 -22.93 -11.78 -9.95
CA MET A 70 -21.89 -11.70 -10.97
C MET A 70 -22.47 -11.63 -12.37
N ASN A 71 -23.40 -12.55 -12.70
CA ASN A 71 -23.86 -12.67 -14.07
C ASN A 71 -24.81 -11.54 -14.48
N ARG A 72 -25.08 -10.60 -13.57
CA ARG A 72 -25.81 -9.37 -13.84
C ARG A 72 -24.92 -8.13 -13.65
N SER A 73 -23.59 -8.32 -13.59
CA SER A 73 -22.68 -7.21 -13.29
C SER A 73 -22.85 -6.05 -14.26
N GLY A 74 -23.07 -6.36 -15.54
CA GLY A 74 -23.18 -5.32 -16.55
C GLY A 74 -24.27 -4.31 -16.26
N GLN A 75 -25.35 -4.75 -15.60
CA GLN A 75 -26.44 -3.82 -15.30
C GLN A 75 -25.93 -2.64 -14.47
N ALA A 76 -25.01 -2.91 -13.54
CA ALA A 76 -24.46 -1.83 -12.73
C ALA A 76 -23.52 -0.97 -13.57
N VAL A 77 -22.64 -1.61 -14.36
CA VAL A 77 -21.66 -0.84 -15.12
C VAL A 77 -22.38 0.09 -16.10
N ALA A 78 -23.28 -0.47 -16.90
CA ALA A 78 -24.01 0.33 -17.88
C ALA A 78 -24.75 1.47 -17.20
N ALA A 79 -25.26 1.26 -15.99
CA ALA A 79 -26.00 2.37 -15.39
C ALA A 79 -25.05 3.51 -15.05
N LEU A 80 -23.89 3.19 -14.48
CA LEU A 80 -22.97 4.25 -14.08
C LEU A 80 -22.46 5.02 -15.29
N ALA A 81 -21.95 4.29 -16.28
CA ALA A 81 -21.51 4.91 -17.52
C ALA A 81 -22.63 5.70 -18.17
N GLN A 82 -23.89 5.32 -17.91
CA GLN A 82 -25.00 6.09 -18.45
C GLN A 82 -25.13 7.44 -17.75
N PHE A 83 -25.09 7.44 -16.41
CA PHE A 83 -25.36 8.69 -15.70
C PHE A 83 -24.28 9.72 -15.96
N TYR A 84 -23.03 9.30 -16.06
CA TYR A 84 -21.90 10.20 -16.13
C TYR A 84 -21.26 10.25 -17.52
N LYS A 85 -21.91 9.65 -18.52
CA LYS A 85 -21.48 9.67 -19.92
C LYS A 85 -20.01 9.25 -20.06
N ILE A 86 -19.80 7.96 -19.84
CA ILE A 86 -18.47 7.34 -19.88
C ILE A 86 -18.46 6.26 -20.96
N LYS A 87 -17.43 6.30 -21.80
CA LYS A 87 -17.33 5.37 -22.91
C LYS A 87 -16.76 4.03 -22.44
N PRO A 88 -16.94 2.96 -23.22
CA PRO A 88 -16.39 1.66 -22.78
C PRO A 88 -14.88 1.68 -22.59
N GLU A 89 -14.13 2.28 -23.51
CA GLU A 89 -12.68 2.32 -23.38
C GLU A 89 -12.21 3.18 -22.22
N GLU A 90 -13.11 3.90 -21.54
CA GLU A 90 -12.75 4.66 -20.36
C GLU A 90 -13.00 3.89 -19.07
N ILE A 91 -13.23 2.58 -19.16
CA ILE A 91 -13.56 1.75 -17.99
C ILE A 91 -12.53 0.63 -17.85
N LEU A 92 -12.15 0.38 -16.60
CA LEU A 92 -11.29 -0.74 -16.22
C LEU A 92 -12.06 -1.67 -15.28
N VAL A 93 -12.08 -2.97 -15.59
CA VAL A 93 -12.77 -3.95 -14.76
C VAL A 93 -11.73 -4.93 -14.20
N VAL A 94 -11.81 -5.22 -12.91
CA VAL A 94 -10.85 -6.09 -12.23
C VAL A 94 -11.52 -7.42 -11.89
N HIS A 95 -10.92 -8.51 -12.36
CA HIS A 95 -11.60 -9.79 -12.26
C HIS A 95 -10.61 -10.91 -11.96
N ASP A 96 -11.16 -12.08 -11.65
CA ASP A 96 -10.38 -13.29 -11.44
C ASP A 96 -10.10 -13.98 -12.77
N GLU A 97 -8.90 -14.54 -12.89
CA GLU A 97 -8.40 -15.11 -14.14
C GLU A 97 -7.82 -16.49 -13.80
N LEU A 98 -8.45 -17.53 -14.34
CA LEU A 98 -8.04 -18.91 -14.06
C LEU A 98 -6.78 -19.28 -14.83
N ASP A 99 -6.59 -18.72 -16.02
CA ASP A 99 -5.55 -19.17 -16.94
C ASP A 99 -4.15 -18.71 -16.53
N ILE A 100 -4.01 -18.06 -15.38
CA ILE A 100 -2.71 -17.69 -14.82
C ILE A 100 -2.75 -17.92 -13.32
N PRO A 101 -1.61 -18.24 -12.71
CA PRO A 101 -1.64 -18.74 -11.32
C PRO A 101 -1.63 -17.61 -10.31
N CYS A 102 -1.79 -18.00 -9.04
CA CYS A 102 -1.98 -17.03 -7.98
C CYS A 102 -0.78 -16.10 -7.83
N GLY A 103 -1.05 -14.80 -7.83
CA GLY A 103 -0.01 -13.80 -7.71
C GLY A 103 0.72 -13.46 -8.99
N ARG A 104 0.04 -13.48 -10.13
CA ARG A 104 0.71 -13.30 -11.42
C ARG A 104 0.36 -11.99 -12.10
N ILE A 105 -0.94 -11.68 -12.25
CA ILE A 105 -1.45 -10.39 -12.72
C ILE A 105 -1.14 -10.17 -14.19
N LYS A 106 -2.16 -9.92 -15.00
CA LYS A 106 -1.94 -9.67 -16.42
C LYS A 106 -2.94 -8.63 -16.89
N PHE A 107 -2.65 -8.02 -18.04
CA PHE A 107 -3.35 -6.82 -18.49
C PHE A 107 -3.64 -6.91 -19.99
N LYS A 108 -4.82 -6.46 -20.38
CA LYS A 108 -5.17 -6.37 -21.80
C LYS A 108 -6.40 -5.50 -21.94
N LEU A 109 -6.67 -5.13 -23.20
CA LEU A 109 -7.85 -4.41 -23.60
C LEU A 109 -8.72 -5.34 -24.43
N GLY A 110 -9.98 -5.51 -24.02
CA GLY A 110 -10.92 -6.33 -24.76
C GLY A 110 -10.44 -7.77 -24.88
N GLY A 111 -10.82 -8.38 -25.99
CA GLY A 111 -10.49 -9.77 -26.22
C GLY A 111 -11.47 -10.73 -25.56
N GLY A 112 -11.08 -12.00 -25.55
CA GLY A 112 -11.94 -13.03 -25.01
C GLY A 112 -12.04 -12.98 -23.50
N ASN A 113 -13.12 -13.58 -22.99
CA ASN A 113 -13.45 -13.52 -21.57
C ASN A 113 -13.08 -14.78 -20.80
N GLY A 114 -12.67 -15.85 -21.49
CA GLY A 114 -12.40 -17.10 -20.80
C GLY A 114 -13.58 -17.64 -20.01
N GLY A 115 -14.80 -17.45 -20.49
CA GLY A 115 -15.97 -18.01 -19.84
C GLY A 115 -16.46 -17.30 -18.60
N HIS A 116 -15.86 -16.16 -18.23
CA HIS A 116 -16.25 -15.45 -17.01
C HIS A 116 -17.69 -14.94 -17.14
N ASN A 117 -18.51 -15.23 -16.12
CA ASN A 117 -19.92 -14.83 -16.23
C ASN A 117 -20.14 -13.35 -15.94
N GLY A 118 -19.23 -12.68 -15.25
CA GLY A 118 -19.34 -11.25 -15.04
C GLY A 118 -18.97 -10.49 -16.30
N LEU A 119 -17.78 -10.78 -16.82
CA LEU A 119 -17.33 -10.23 -18.10
C LEU A 119 -18.39 -10.39 -19.18
N LYS A 120 -19.01 -11.58 -19.25
CA LYS A 120 -20.07 -11.82 -20.23
C LYS A 120 -21.14 -10.74 -20.15
N ASP A 121 -21.66 -10.50 -18.94
CA ASP A 121 -22.78 -9.58 -18.83
C ASP A 121 -22.34 -8.13 -19.08
N ILE A 122 -21.10 -7.80 -18.71
CA ILE A 122 -20.64 -6.44 -18.95
C ILE A 122 -20.45 -6.18 -20.45
N GLN A 123 -19.90 -7.15 -21.17
CA GLN A 123 -19.85 -7.04 -22.63
C GLN A 123 -21.26 -6.95 -23.22
N ALA A 124 -22.21 -7.71 -22.67
CA ALA A 124 -23.58 -7.69 -23.18
C ALA A 124 -24.22 -6.32 -22.98
N LYS A 125 -24.01 -5.70 -21.82
CA LYS A 125 -24.73 -4.46 -21.55
C LYS A 125 -24.03 -3.23 -22.09
N LEU A 126 -22.70 -3.24 -22.20
CA LEU A 126 -22.02 -2.12 -22.84
C LEU A 126 -22.06 -2.18 -24.36
N GLY A 127 -22.45 -3.31 -24.93
CA GLY A 127 -22.52 -3.41 -26.38
C GLY A 127 -21.19 -3.57 -27.09
N THR A 128 -20.14 -3.95 -26.37
CA THR A 128 -18.85 -4.24 -27.00
C THR A 128 -17.99 -5.00 -26.00
N ALA A 129 -16.92 -5.59 -26.51
CA ALA A 129 -15.90 -6.20 -25.66
C ALA A 129 -14.78 -5.24 -25.30
N ASP A 130 -14.79 -4.02 -25.86
CA ASP A 130 -13.63 -3.14 -25.87
C ASP A 130 -13.55 -2.29 -24.61
N TYR A 131 -13.42 -2.96 -23.46
CA TYR A 131 -13.13 -2.29 -22.19
C TYR A 131 -11.88 -2.91 -21.57
N TYR A 132 -11.20 -2.16 -20.71
CA TYR A 132 -9.92 -2.63 -20.20
C TYR A 132 -10.11 -3.60 -19.05
N ARG A 133 -9.22 -4.59 -18.95
CA ARG A 133 -9.34 -5.61 -17.93
C ARG A 133 -8.04 -5.76 -17.16
N LEU A 134 -8.15 -5.78 -15.84
CA LEU A 134 -7.05 -6.18 -14.97
C LEU A 134 -7.35 -7.59 -14.48
N ARG A 135 -6.50 -8.54 -14.85
CA ARG A 135 -6.74 -9.96 -14.64
C ARG A 135 -5.88 -10.44 -13.49
N LEU A 136 -6.50 -10.98 -12.45
CA LEU A 136 -5.82 -11.40 -11.23
C LEU A 136 -5.81 -12.92 -11.19
N GLY A 137 -4.63 -13.52 -11.09
CA GLY A 137 -4.54 -14.97 -11.16
C GLY A 137 -5.09 -15.63 -9.91
N ILE A 138 -5.94 -16.63 -10.08
CA ILE A 138 -6.40 -17.44 -8.95
C ILE A 138 -6.13 -18.93 -9.14
N GLY A 139 -5.46 -19.31 -10.22
CA GLY A 139 -5.20 -20.72 -10.45
C GLY A 139 -6.45 -21.39 -10.97
N HIS A 140 -6.38 -22.71 -11.08
CA HIS A 140 -7.46 -23.49 -11.67
C HIS A 140 -7.33 -24.93 -11.19
N PRO A 141 -8.45 -25.69 -11.18
CA PRO A 141 -8.36 -27.12 -10.84
C PRO A 141 -7.74 -27.96 -11.94
N GLY A 142 -8.19 -29.22 -12.08
CA GLY A 142 -7.67 -30.10 -13.11
C GLY A 142 -8.57 -30.22 -14.33
N ASP A 143 -9.85 -30.45 -14.09
CA ASP A 143 -10.87 -30.45 -15.14
C ASP A 143 -11.72 -29.20 -14.97
N ARG A 144 -12.21 -28.65 -16.08
CA ARG A 144 -12.98 -27.43 -15.96
C ARG A 144 -14.48 -27.68 -15.80
N ASN A 145 -14.92 -28.93 -15.91
CA ASN A 145 -16.19 -29.29 -15.29
C ASN A 145 -16.21 -28.95 -13.81
N LEU A 146 -15.05 -28.67 -13.21
CA LEU A 146 -14.96 -28.31 -11.80
C LEU A 146 -14.91 -26.80 -11.57
N VAL A 147 -15.00 -25.98 -12.62
CA VAL A 147 -14.64 -24.57 -12.46
C VAL A 147 -15.61 -23.85 -11.52
N VAL A 148 -16.91 -24.07 -11.68
CA VAL A 148 -17.89 -23.31 -10.91
C VAL A 148 -17.68 -23.52 -9.41
N GLY A 149 -17.49 -24.78 -9.01
CA GLY A 149 -17.21 -25.07 -7.61
C GLY A 149 -15.90 -24.49 -7.14
N TYR A 150 -14.92 -24.35 -8.04
CA TYR A 150 -13.61 -23.83 -7.66
C TYR A 150 -13.69 -22.35 -7.31
N VAL A 151 -14.26 -21.53 -8.19
CA VAL A 151 -14.32 -20.11 -7.93
C VAL A 151 -15.22 -19.77 -6.76
N LEU A 152 -16.20 -20.62 -6.44
CA LEU A 152 -17.10 -20.38 -5.31
C LEU A 152 -16.58 -21.01 -4.03
N ASN A 153 -15.26 -20.95 -3.81
CA ASN A 153 -14.67 -21.50 -2.60
C ASN A 153 -13.45 -20.68 -2.25
N LYS A 154 -13.01 -20.82 -1.02
CA LYS A 154 -11.94 -20.04 -0.43
C LYS A 154 -10.59 -20.57 -0.90
N PRO A 155 -9.66 -19.70 -1.30
CA PRO A 155 -8.30 -20.17 -1.58
C PRO A 155 -7.55 -20.46 -0.29
N SER A 156 -7.53 -19.46 0.59
CA SER A 156 -6.99 -19.57 1.95
C SER A 156 -5.47 -19.74 1.99
N ALA A 157 -4.87 -19.28 3.08
CA ALA A 157 -3.45 -19.46 3.36
C ALA A 157 -2.55 -18.86 2.29
N GLU A 158 -1.84 -19.72 1.56
CA GLU A 158 -0.72 -19.29 0.72
C GLU A 158 -1.19 -18.36 -0.40
N HIS A 159 -2.12 -18.84 -1.23
CA HIS A 159 -2.59 -18.00 -2.33
C HIS A 159 -3.35 -16.77 -1.87
N ARG A 160 -3.96 -16.75 -0.69
CA ARG A 160 -4.54 -15.49 -0.25
C ARG A 160 -3.44 -14.45 -0.04
N ARG A 161 -2.32 -14.86 0.55
CA ARG A 161 -1.17 -13.98 0.70
C ARG A 161 -0.61 -13.57 -0.65
N GLN A 162 -0.51 -14.51 -1.59
CA GLN A 162 0.01 -14.20 -2.91
C GLN A 162 -0.93 -13.24 -3.65
N ILE A 163 -2.23 -13.35 -3.38
CA ILE A 163 -3.21 -12.44 -3.99
C ILE A 163 -3.09 -11.05 -3.39
N ASP A 164 -2.85 -10.96 -2.08
CA ASP A 164 -2.64 -9.65 -1.49
C ASP A 164 -1.38 -9.00 -2.07
N ASP A 165 -0.33 -9.79 -2.30
CA ASP A 165 0.84 -9.27 -3.01
C ASP A 165 0.47 -8.85 -4.43
N ALA A 166 -0.41 -9.61 -5.07
CA ALA A 166 -0.86 -9.27 -6.42
C ALA A 166 -1.51 -7.90 -6.47
N VAL A 167 -2.43 -7.62 -5.52
CA VAL A 167 -3.10 -6.32 -5.55
C VAL A 167 -2.15 -5.22 -5.12
N ALA A 168 -1.24 -5.51 -4.18
CA ALA A 168 -0.24 -4.52 -3.82
C ALA A 168 0.56 -4.10 -5.04
N LYS A 169 1.02 -5.06 -5.83
CA LYS A 169 1.80 -4.72 -7.01
C LYS A 169 0.95 -4.06 -8.08
N SER A 170 -0.34 -4.42 -8.16
CA SER A 170 -1.22 -3.74 -9.11
C SER A 170 -1.44 -2.28 -8.74
N LEU A 171 -1.43 -1.97 -7.44
CA LEU A 171 -1.70 -0.60 -7.01
C LEU A 171 -0.63 0.40 -7.41
N GLN A 172 0.57 -0.05 -7.76
CA GLN A 172 1.62 0.89 -8.18
C GLN A 172 1.54 1.25 -9.65
N ALA A 173 0.78 0.50 -10.45
CA ALA A 173 0.72 0.75 -11.88
C ALA A 173 -0.37 1.73 -12.27
N VAL A 174 -1.23 2.14 -11.33
CA VAL A 174 -2.44 2.88 -11.66
C VAL A 174 -2.17 4.25 -12.28
N PRO A 175 -1.09 4.99 -11.94
CA PRO A 175 -0.89 6.27 -12.64
C PRO A 175 -0.75 6.10 -14.14
N ASP A 176 0.03 5.11 -14.59
CA ASP A 176 0.19 4.87 -16.01
C ASP A 176 -1.09 4.33 -16.63
N ILE A 177 -1.88 3.56 -15.87
CA ILE A 177 -3.14 3.05 -16.39
C ILE A 177 -4.11 4.19 -16.63
N ILE A 178 -4.17 5.15 -15.71
CA ILE A 178 -5.17 6.21 -15.77
C ILE A 178 -4.75 7.27 -16.77
N SER A 179 -3.47 7.65 -16.80
CA SER A 179 -3.02 8.50 -17.89
C SER A 179 -3.10 7.80 -19.24
N GLY A 180 -3.12 6.47 -19.26
CA GLY A 180 -3.35 5.71 -20.47
C GLY A 180 -2.16 5.04 -21.11
N LYS A 181 -1.03 4.92 -20.40
CA LYS A 181 0.19 4.36 -20.98
C LYS A 181 0.12 2.84 -20.92
N TRP A 182 -0.48 2.25 -21.95
CA TRP A 182 -0.72 0.80 -21.95
C TRP A 182 0.59 0.02 -21.95
N GLU A 183 1.51 0.38 -22.85
CA GLU A 183 2.77 -0.34 -22.95
C GLU A 183 3.58 -0.23 -21.66
N GLU A 184 3.56 0.94 -21.01
CA GLU A 184 4.35 1.15 -19.81
C GLU A 184 3.85 0.30 -18.66
N ALA A 185 2.56 0.44 -18.33
CA ALA A 185 1.98 -0.36 -17.25
C ALA A 185 2.06 -1.84 -17.56
N THR A 186 1.86 -2.22 -18.83
CA THR A 186 1.91 -3.63 -19.19
C THR A 186 3.31 -4.20 -19.01
N ARG A 187 4.35 -3.38 -19.25
CA ARG A 187 5.71 -3.85 -19.04
C ARG A 187 6.05 -3.92 -17.56
N PHE A 188 5.49 -3.01 -16.76
CA PHE A 188 5.73 -3.09 -15.33
C PHE A 188 5.06 -4.31 -14.72
N LEU A 189 3.83 -4.62 -15.15
CA LEU A 189 3.05 -5.68 -14.51
C LEU A 189 3.54 -7.08 -14.84
N HIS A 190 4.07 -7.29 -16.04
CA HIS A 190 4.43 -8.63 -16.50
C HIS A 190 5.80 -9.12 -16.01
N SER A 191 6.39 -8.46 -15.02
CA SER A 191 7.66 -8.91 -14.46
C SER A 191 7.45 -9.86 -13.28
N SER B 2 32.85 9.46 3.24
CA SER B 2 31.81 10.37 2.78
C SER B 2 30.55 9.59 2.37
N ASN B 3 29.48 9.75 3.15
CA ASN B 3 28.19 9.11 2.93
C ASN B 3 27.17 10.14 2.43
N THR B 4 25.93 9.69 2.24
CA THR B 4 24.86 10.63 1.93
C THR B 4 23.90 10.84 3.10
N ILE B 5 23.50 9.77 3.79
CA ILE B 5 22.65 9.92 4.96
C ILE B 5 23.54 10.28 6.16
N LYS B 6 23.15 11.33 6.90
CA LYS B 6 23.86 11.68 8.11
C LYS B 6 23.05 11.55 9.38
N MET B 7 21.74 11.27 9.28
CA MET B 7 20.83 11.15 10.40
C MET B 7 19.83 10.04 10.11
N VAL B 8 19.53 9.21 11.13
CA VAL B 8 18.42 8.25 11.07
C VAL B 8 17.51 8.47 12.27
N VAL B 9 16.20 8.57 12.03
CA VAL B 9 15.19 8.92 13.04
C VAL B 9 14.21 7.76 13.19
N GLY B 10 13.93 7.39 14.44
CA GLY B 10 12.94 6.37 14.74
C GLY B 10 11.79 6.99 15.52
N LEU B 11 10.56 6.65 15.11
CA LEU B 11 9.35 7.31 15.59
C LEU B 11 8.57 6.42 16.55
N GLY B 12 8.08 7.03 17.62
CA GLY B 12 7.33 6.31 18.64
C GLY B 12 6.95 7.23 19.77
N ASN B 13 6.26 6.66 20.75
CA ASN B 13 5.83 7.33 21.97
C ASN B 13 6.64 6.83 23.17
N PRO B 14 6.76 7.63 24.22
CA PRO B 14 7.52 7.20 25.39
C PRO B 14 6.67 6.52 26.45
N GLY B 15 7.31 5.61 27.17
CA GLY B 15 6.66 4.87 28.23
C GLY B 15 6.32 3.46 27.81
N LYS B 16 6.26 2.56 28.79
CA LYS B 16 5.88 1.17 28.51
C LYS B 16 4.42 1.06 28.11
N GLU B 17 3.60 2.05 28.46
CA GLU B 17 2.20 2.03 28.07
C GLU B 17 2.04 2.08 26.55
N TYR B 18 3.03 2.67 25.86
CA TYR B 18 3.05 2.72 24.40
C TYR B 18 4.24 1.97 23.80
N GLU B 19 5.06 1.31 24.62
CA GLU B 19 6.31 0.73 24.11
C GLU B 19 6.06 -0.36 23.09
N GLN B 20 4.98 -1.11 23.23
CA GLN B 20 4.73 -2.27 22.38
C GLN B 20 3.69 -2.01 21.30
N THR B 21 3.14 -0.80 21.20
CA THR B 21 2.09 -0.48 20.25
C THR B 21 2.64 -0.36 18.84
N ARG B 22 1.72 -0.33 17.86
CA ARG B 22 2.11 -0.29 16.45
C ARG B 22 2.78 1.03 16.08
N HIS B 23 2.31 2.13 16.65
CA HIS B 23 2.88 3.45 16.38
C HIS B 23 4.36 3.53 16.73
N ASN B 24 4.92 2.53 17.42
CA ASN B 24 6.31 2.54 17.83
C ASN B 24 7.18 1.63 16.99
N ALA B 25 6.68 1.10 15.86
CA ALA B 25 7.54 0.25 15.03
C ALA B 25 8.88 0.92 14.74
N GLY B 26 8.86 2.24 14.52
CA GLY B 26 10.09 2.96 14.25
C GLY B 26 11.09 2.82 15.37
N PHE B 27 10.65 2.98 16.62
CA PHE B 27 11.53 2.79 17.76
C PHE B 27 12.15 1.39 17.72
N TRP B 28 11.31 0.37 17.49
CA TRP B 28 11.82 -0.99 17.45
C TRP B 28 12.92 -1.13 16.43
N PHE B 29 12.86 -0.36 15.35
CA PHE B 29 13.88 -0.49 14.33
C PHE B 29 15.20 0.13 14.79
N LEU B 30 15.14 1.32 15.39
CA LEU B 30 16.43 1.92 15.73
C LEU B 30 17.13 1.11 16.80
N ASP B 31 16.39 0.52 17.73
CA ASP B 31 17.02 -0.32 18.75
C ASP B 31 17.78 -1.48 18.12
N GLU B 32 17.36 -1.93 16.94
CA GLU B 32 18.16 -2.94 16.26
C GLU B 32 19.35 -2.32 15.55
N LEU B 33 19.15 -1.19 14.86
CA LEU B 33 20.26 -0.55 14.18
C LEU B 33 21.37 -0.19 15.18
N ALA B 34 21.00 0.45 16.30
CA ALA B 34 21.99 0.77 17.32
C ALA B 34 22.67 -0.47 17.88
N TRP B 35 21.97 -1.61 17.95
CA TRP B 35 22.63 -2.81 18.42
C TRP B 35 23.60 -3.33 17.38
N LYS B 36 23.26 -3.19 16.10
CA LYS B 36 24.16 -3.68 15.06
C LYS B 36 25.41 -2.81 14.97
N TRP B 37 25.26 -1.51 15.19
CA TRP B 37 26.35 -0.55 15.05
C TRP B 37 27.12 -0.36 16.36
N LYS B 38 26.83 -1.16 17.39
CA LYS B 38 27.52 -1.10 18.69
C LYS B 38 27.47 0.29 19.31
N ALA B 39 26.38 1.01 19.12
CA ALA B 39 26.24 2.36 19.65
C ALA B 39 25.29 2.37 20.84
N SER B 40 25.48 3.34 21.72
CA SER B 40 24.69 3.46 22.93
C SER B 40 23.93 4.78 22.94
N PHE B 41 22.68 4.72 23.37
CA PHE B 41 21.81 5.90 23.40
C PHE B 41 22.04 6.68 24.69
N LYS B 42 22.18 8.00 24.57
CA LYS B 42 22.23 8.88 25.72
C LYS B 42 21.12 9.92 25.64
N GLU B 43 20.45 10.13 26.77
CA GLU B 43 19.49 11.24 26.85
C GLU B 43 20.23 12.56 26.66
N GLU B 44 19.80 13.36 25.66
CA GLU B 44 20.30 14.72 25.49
C GLU B 44 19.12 15.67 25.59
N LYS B 45 19.12 16.49 26.65
CA LYS B 45 18.06 17.48 26.84
C LYS B 45 17.98 18.44 25.66
N LYS B 46 19.14 18.88 25.15
CA LYS B 46 19.16 19.89 24.10
C LYS B 46 18.47 19.42 22.83
N PHE B 47 18.24 18.11 22.69
CA PHE B 47 17.65 17.54 21.47
C PHE B 47 16.33 16.82 21.72
N PHE B 48 15.74 16.95 22.91
CA PHE B 48 14.40 16.44 23.19
C PHE B 48 14.29 14.95 22.89
N GLY B 49 15.36 14.20 23.17
CA GLY B 49 15.31 12.78 22.96
C GLY B 49 16.63 12.13 23.30
N GLU B 50 16.77 10.88 22.85
CA GLU B 50 17.98 10.09 23.07
C GLU B 50 18.74 9.95 21.76
N VAL B 51 20.05 10.18 21.83
CA VAL B 51 20.86 10.32 20.64
C VAL B 51 22.04 9.37 20.74
N ALA B 52 22.51 8.90 19.58
CA ALA B 52 23.61 7.94 19.49
C ALA B 52 24.50 8.26 18.31
N ARG B 53 25.81 8.30 18.53
CA ARG B 53 26.78 8.47 17.45
C ARG B 53 27.26 7.11 17.01
N ALA B 54 27.20 6.85 15.71
CA ALA B 54 27.67 5.59 15.15
C ALA B 54 28.90 5.86 14.30
N ALA B 55 30.01 5.24 14.69
CA ALA B 55 31.31 5.42 14.06
C ALA B 55 31.39 4.53 12.84
N LEU B 56 31.42 5.15 11.66
CA LEU B 56 31.51 4.44 10.40
C LEU B 56 32.76 4.90 9.65
N PRO B 57 33.46 3.99 8.99
CA PRO B 57 34.68 4.39 8.26
C PRO B 57 34.42 5.43 7.20
N ASP B 58 33.25 5.39 6.56
CA ASP B 58 32.91 6.33 5.50
C ASP B 58 32.29 7.61 6.03
N GLY B 59 31.99 7.69 7.32
CA GLY B 59 31.36 8.86 7.89
C GLY B 59 30.32 8.51 8.93
N ASP B 60 30.36 9.21 10.05
CA ASP B 60 29.55 8.84 11.21
C ASP B 60 28.10 9.23 11.01
N VAL B 61 27.22 8.50 11.69
CA VAL B 61 25.78 8.69 11.52
C VAL B 61 25.12 8.84 12.89
N TRP B 62 24.25 9.84 12.99
CA TRP B 62 23.50 10.13 14.19
C TRP B 62 22.19 9.36 14.20
N LEU B 63 21.87 8.77 15.35
CA LEU B 63 20.62 8.04 15.55
C LEU B 63 19.80 8.81 16.58
N LEU B 64 18.53 9.05 16.29
CA LEU B 64 17.68 9.83 17.19
C LEU B 64 16.40 9.08 17.48
N LYS B 65 16.04 9.00 18.75
CA LYS B 65 14.67 8.61 19.14
C LYS B 65 14.11 9.73 20.00
N PRO B 66 13.18 10.53 19.47
CA PRO B 66 12.67 11.67 20.23
C PRO B 66 11.85 11.24 21.44
N ALA B 67 11.73 12.15 22.41
CA ALA B 67 10.99 11.87 23.64
C ALA B 67 9.88 12.89 23.87
N THR B 68 9.28 13.38 22.80
CA THR B 68 8.44 14.56 22.82
C THR B 68 6.95 14.27 22.78
N PHE B 69 6.55 12.99 22.70
CA PHE B 69 5.26 12.51 22.23
C PHE B 69 5.28 12.53 20.70
N MET B 70 4.43 11.74 20.05
CA MET B 70 4.58 11.55 18.61
C MET B 70 4.36 12.86 17.85
N ASN B 71 3.26 13.55 18.15
CA ASN B 71 2.88 14.71 17.35
C ASN B 71 3.87 15.88 17.47
N ARG B 72 4.89 15.78 18.32
CA ARG B 72 5.93 16.81 18.42
C ARG B 72 7.28 16.36 17.90
N SER B 73 7.33 15.27 17.11
CA SER B 73 8.63 14.71 16.72
C SER B 73 9.50 15.74 16.01
N GLY B 74 8.87 16.61 15.22
CA GLY B 74 9.63 17.60 14.47
C GLY B 74 10.55 18.42 15.34
N GLN B 75 10.12 18.69 16.58
CA GLN B 75 10.89 19.54 17.47
C GLN B 75 12.29 18.98 17.73
N ALA B 76 12.39 17.66 17.86
CA ALA B 76 13.69 17.03 18.08
C ALA B 76 14.49 16.90 16.80
N VAL B 77 13.82 16.74 15.65
CA VAL B 77 14.57 16.51 14.42
C VAL B 77 15.25 17.80 13.98
N ALA B 78 14.49 18.90 13.87
CA ALA B 78 15.06 20.16 13.39
C ALA B 78 16.21 20.63 14.27
N ALA B 79 16.02 20.57 15.60
CA ALA B 79 17.10 20.99 16.48
C ALA B 79 18.39 20.20 16.25
N LEU B 80 18.29 18.92 15.88
CA LEU B 80 19.55 18.24 15.58
C LEU B 80 20.07 18.67 14.22
N ALA B 81 19.16 18.78 13.24
CA ALA B 81 19.58 19.19 11.91
C ALA B 81 20.05 20.64 11.90
N GLN B 82 19.55 21.46 12.82
CA GLN B 82 20.09 22.80 12.96
C GLN B 82 21.49 22.77 13.55
N PHE B 83 21.71 21.93 14.57
CA PHE B 83 22.98 22.02 15.29
C PHE B 83 24.15 21.61 14.40
N TYR B 84 24.01 20.50 13.69
CA TYR B 84 25.09 19.96 12.88
C TYR B 84 24.97 20.37 11.42
N LYS B 85 24.00 21.22 11.10
CA LYS B 85 23.73 21.66 9.72
C LYS B 85 23.60 20.46 8.78
N ILE B 86 22.58 19.65 9.05
CA ILE B 86 22.22 18.49 8.22
C ILE B 86 20.96 18.84 7.46
N LYS B 87 20.93 18.51 6.20
CA LYS B 87 19.84 18.87 5.32
C LYS B 87 18.76 17.79 5.31
N PRO B 88 17.53 18.14 4.93
CA PRO B 88 16.47 17.14 4.90
C PRO B 88 16.80 15.93 4.02
N GLU B 89 17.32 16.13 2.80
CA GLU B 89 17.62 14.99 1.95
C GLU B 89 18.76 14.14 2.49
N GLU B 90 19.49 14.61 3.50
CA GLU B 90 20.45 13.80 4.22
C GLU B 90 19.83 13.09 5.43
N ILE B 91 18.50 12.98 5.49
CA ILE B 91 17.83 12.45 6.67
C ILE B 91 16.92 11.30 6.25
N LEU B 92 17.02 10.17 6.95
CA LEU B 92 16.08 9.06 6.81
C LEU B 92 15.21 8.94 8.06
N VAL B 93 13.90 8.80 7.86
CA VAL B 93 12.94 8.64 8.95
C VAL B 93 12.30 7.27 8.79
N VAL B 94 12.18 6.52 9.88
CA VAL B 94 11.63 5.16 9.88
C VAL B 94 10.34 5.17 10.67
N HIS B 95 9.26 4.69 10.05
CA HIS B 95 7.95 4.83 10.67
C HIS B 95 7.03 3.69 10.27
N ASP B 96 5.93 3.54 11.02
CA ASP B 96 4.88 2.61 10.67
C ASP B 96 4.04 3.14 9.51
N GLU B 97 3.51 2.20 8.70
CA GLU B 97 2.85 2.52 7.43
C GLU B 97 1.60 1.67 7.28
N LEU B 98 0.43 2.31 7.38
CA LEU B 98 -0.84 1.59 7.20
C LEU B 98 -0.99 1.02 5.80
N ASP B 99 -0.48 1.69 4.78
CA ASP B 99 -0.78 1.27 3.41
C ASP B 99 0.00 0.04 2.98
N ILE B 100 0.62 -0.69 3.90
CA ILE B 100 1.49 -1.82 3.58
C ILE B 100 1.22 -2.92 4.59
N PRO B 101 1.19 -4.18 4.20
CA PRO B 101 0.96 -5.24 5.19
C PRO B 101 2.19 -5.51 6.03
N CYS B 102 1.97 -6.09 7.20
CA CYS B 102 3.09 -6.58 8.01
C CYS B 102 4.02 -7.44 7.18
N GLY B 103 5.33 -7.21 7.34
CA GLY B 103 6.32 -7.99 6.63
C GLY B 103 6.78 -7.40 5.32
N ARG B 104 6.13 -6.33 4.84
CA ARG B 104 6.56 -5.65 3.63
C ARG B 104 7.18 -4.30 4.01
N ILE B 105 8.06 -3.80 3.14
CA ILE B 105 8.80 -2.58 3.38
C ILE B 105 8.71 -1.71 2.14
N LYS B 106 8.72 -0.38 2.34
CA LYS B 106 8.75 0.56 1.23
C LYS B 106 9.75 1.67 1.53
N PHE B 107 10.30 2.25 0.47
CA PHE B 107 11.34 3.26 0.60
C PHE B 107 11.09 4.35 -0.42
N LYS B 108 11.16 5.62 0.00
CA LYS B 108 11.01 6.69 -0.99
C LYS B 108 11.53 8.01 -0.43
N LEU B 109 11.48 9.05 -1.27
CA LEU B 109 11.85 10.42 -0.89
C LEU B 109 10.63 11.31 -1.07
N GLY B 110 10.08 11.78 0.06
CA GLY B 110 9.00 12.75 -0.02
C GLY B 110 7.64 12.11 -0.25
N GLY B 111 6.77 12.88 -0.87
CA GLY B 111 5.42 12.40 -1.11
C GLY B 111 4.54 12.50 0.13
N GLY B 112 3.34 11.95 -0.02
CA GLY B 112 2.34 12.03 1.03
C GLY B 112 2.77 11.35 2.31
N ASN B 113 2.05 11.67 3.37
CA ASN B 113 2.37 11.21 4.72
C ASN B 113 1.46 10.09 5.22
N GLY B 114 0.42 9.74 4.48
CA GLY B 114 -0.50 8.69 4.90
C GLY B 114 -1.25 8.96 6.18
N GLY B 115 -1.42 10.23 6.56
CA GLY B 115 -2.08 10.59 7.81
C GLY B 115 -1.18 10.64 9.03
N HIS B 116 0.05 10.16 8.94
CA HIS B 116 0.91 10.02 10.10
C HIS B 116 1.29 11.38 10.69
N ASN B 117 1.05 11.55 12.00
CA ASN B 117 1.23 12.85 12.64
C ASN B 117 2.69 13.17 12.99
N GLY B 118 3.53 12.16 13.16
CA GLY B 118 4.95 12.45 13.29
C GLY B 118 5.57 12.94 11.98
N LEU B 119 5.28 12.25 10.87
CA LEU B 119 5.69 12.75 9.56
C LEU B 119 5.16 14.16 9.33
N LYS B 120 3.93 14.43 9.76
CA LYS B 120 3.32 15.75 9.61
C LYS B 120 4.08 16.84 10.36
N ASP B 121 4.35 16.59 11.64
CA ASP B 121 5.02 17.61 12.43
C ASP B 121 6.47 17.81 12.00
N ILE B 122 7.15 16.73 11.59
CA ILE B 122 8.51 16.85 11.07
C ILE B 122 8.53 17.69 9.80
N GLN B 123 7.59 17.42 8.89
CA GLN B 123 7.45 18.25 7.69
C GLN B 123 7.27 19.71 8.06
N ALA B 124 6.46 19.99 9.08
CA ALA B 124 6.25 21.39 9.47
C ALA B 124 7.54 22.02 9.99
N LYS B 125 8.30 21.31 10.83
CA LYS B 125 9.50 21.95 11.38
C LYS B 125 10.64 22.05 10.37
N LEU B 126 10.76 21.10 9.46
CA LEU B 126 11.82 21.17 8.45
C LEU B 126 11.43 22.04 7.26
N GLY B 127 10.13 22.32 7.09
CA GLY B 127 9.70 23.20 6.01
C GLY B 127 9.59 22.53 4.66
N THR B 128 9.48 21.21 4.62
CA THR B 128 9.45 20.46 3.38
C THR B 128 9.08 19.01 3.67
N ALA B 129 8.53 18.36 2.65
CA ALA B 129 8.23 16.94 2.74
C ALA B 129 9.39 16.07 2.28
N ASP B 130 10.41 16.65 1.66
CA ASP B 130 11.42 15.90 0.91
C ASP B 130 12.58 15.49 1.81
N TYR B 131 12.27 14.62 2.75
CA TYR B 131 13.25 13.80 3.45
C TYR B 131 12.97 12.34 3.12
N TYR B 132 13.98 11.49 3.29
CA TYR B 132 13.81 10.09 2.95
C TYR B 132 13.01 9.37 4.02
N ARG B 133 12.26 8.34 3.57
CA ARG B 133 11.37 7.59 4.44
C ARG B 133 11.54 6.10 4.20
N LEU B 134 11.59 5.36 5.32
CA LEU B 134 11.60 3.91 5.39
C LEU B 134 10.30 3.50 6.10
N ARG B 135 9.36 2.96 5.32
CA ARG B 135 7.99 2.71 5.75
C ARG B 135 7.85 1.22 6.05
N LEU B 136 7.43 0.90 7.28
CA LEU B 136 7.32 -0.46 7.79
C LEU B 136 5.85 -0.81 7.90
N GLY B 137 5.42 -1.82 7.15
CA GLY B 137 3.99 -2.10 7.05
C GLY B 137 3.43 -2.61 8.37
N ILE B 138 2.30 -2.03 8.80
CA ILE B 138 1.62 -2.42 10.03
C ILE B 138 0.17 -2.82 9.79
N GLY B 139 -0.28 -2.89 8.54
CA GLY B 139 -1.69 -3.10 8.26
C GLY B 139 -2.53 -1.87 8.55
N HIS B 140 -3.81 -1.97 8.21
CA HIS B 140 -4.76 -0.91 8.51
C HIS B 140 -6.07 -1.55 8.92
N PRO B 141 -6.92 -0.84 9.67
CA PRO B 141 -8.22 -1.41 10.03
C PRO B 141 -9.15 -1.33 8.84
N GLY B 142 -10.45 -1.53 9.07
CA GLY B 142 -11.41 -1.45 7.99
C GLY B 142 -11.78 -0.03 7.60
N ASP B 143 -12.08 0.81 8.59
CA ASP B 143 -12.60 2.15 8.36
C ASP B 143 -11.60 3.18 8.88
N ARG B 144 -11.61 4.36 8.24
CA ARG B 144 -10.67 5.41 8.59
C ARG B 144 -10.84 5.86 10.03
N ASN B 145 -12.06 5.76 10.58
CA ASN B 145 -12.33 6.31 11.90
C ASN B 145 -11.76 5.44 13.03
N LEU B 146 -11.19 4.28 12.73
CA LEU B 146 -10.65 3.37 13.72
C LEU B 146 -9.13 3.38 13.79
N VAL B 147 -8.47 4.25 13.00
CA VAL B 147 -7.01 4.23 12.90
C VAL B 147 -6.36 4.69 14.20
N VAL B 148 -6.91 5.73 14.82
CA VAL B 148 -6.27 6.33 16.00
C VAL B 148 -6.08 5.30 17.10
N GLY B 149 -7.13 4.57 17.44
CA GLY B 149 -7.01 3.51 18.42
C GLY B 149 -6.23 2.32 17.90
N TYR B 150 -6.21 2.12 16.59
CA TYR B 150 -5.49 0.98 16.02
C TYR B 150 -3.98 1.14 16.19
N VAL B 151 -3.43 2.29 15.79
CA VAL B 151 -1.99 2.51 15.91
C VAL B 151 -1.52 2.69 17.33
N LEU B 152 -2.44 2.91 18.27
CA LEU B 152 -2.12 3.03 19.69
C LEU B 152 -2.49 1.76 20.45
N ASN B 153 -2.16 0.61 19.89
CA ASN B 153 -2.51 -0.67 20.48
C ASN B 153 -1.48 -1.72 20.07
N LYS B 154 -1.27 -2.69 20.96
CA LYS B 154 -0.36 -3.78 20.67
C LYS B 154 -0.94 -4.68 19.57
N PRO B 155 -0.12 -5.18 18.66
CA PRO B 155 -0.59 -6.12 17.64
C PRO B 155 -0.55 -7.57 18.11
N SER B 156 -1.07 -8.45 17.25
CA SER B 156 -1.03 -9.89 17.48
C SER B 156 0.39 -10.40 17.25
N ALA B 157 0.72 -11.50 17.94
CA ALA B 157 2.11 -11.95 17.98
C ALA B 157 2.60 -12.36 16.61
N GLU B 158 1.70 -12.92 15.79
CA GLU B 158 2.06 -13.32 14.43
C GLU B 158 2.40 -12.11 13.56
N HIS B 159 1.56 -11.07 13.63
CA HIS B 159 1.86 -9.78 13.01
C HIS B 159 3.22 -9.24 13.46
N ARG B 160 3.48 -9.27 14.77
CA ARG B 160 4.78 -8.82 15.26
C ARG B 160 5.90 -9.61 14.61
N ARG B 161 5.74 -10.93 14.49
CA ARG B 161 6.78 -11.77 13.89
C ARG B 161 7.11 -11.30 12.47
N GLN B 162 6.08 -11.09 11.64
CA GLN B 162 6.40 -10.55 10.32
C GLN B 162 7.03 -9.16 10.41
N ILE B 163 6.71 -8.42 11.47
CA ILE B 163 7.32 -7.10 11.63
C ILE B 163 8.81 -7.22 11.96
N ASP B 164 9.18 -8.12 12.87
CA ASP B 164 10.60 -8.31 13.16
C ASP B 164 11.36 -8.86 11.96
N ASP B 165 10.69 -9.62 11.10
CA ASP B 165 11.34 -10.03 9.87
C ASP B 165 11.51 -8.87 8.90
N ALA B 166 10.58 -7.91 8.92
CA ALA B 166 10.74 -6.69 8.13
C ALA B 166 11.92 -5.85 8.63
N VAL B 167 12.06 -5.73 9.95
CA VAL B 167 13.21 -5.04 10.54
C VAL B 167 14.50 -5.76 10.14
N ALA B 168 14.53 -7.08 10.28
CA ALA B 168 15.75 -7.83 10.01
C ALA B 168 16.17 -7.70 8.54
N LYS B 169 15.21 -7.68 7.62
CA LYS B 169 15.57 -7.47 6.22
C LYS B 169 15.97 -6.02 5.95
N SER B 170 15.32 -5.06 6.62
CA SER B 170 15.74 -3.67 6.46
C SER B 170 17.18 -3.46 6.90
N LEU B 171 17.64 -4.20 7.91
CA LEU B 171 19.02 -4.02 8.38
C LEU B 171 20.03 -4.38 7.29
N GLN B 172 19.65 -5.26 6.36
CA GLN B 172 20.57 -5.64 5.29
C GLN B 172 20.73 -4.54 4.25
N ALA B 173 19.74 -3.67 4.09
CA ALA B 173 19.77 -2.60 3.10
C ALA B 173 20.41 -1.33 3.61
N VAL B 174 20.70 -1.27 4.90
CA VAL B 174 21.36 -0.11 5.50
C VAL B 174 22.63 0.33 4.75
N PRO B 175 23.61 -0.55 4.46
CA PRO B 175 24.83 -0.04 3.81
C PRO B 175 24.56 0.68 2.51
N ASP B 176 23.64 0.17 1.69
CA ASP B 176 23.32 0.84 0.43
C ASP B 176 22.53 2.13 0.64
N ILE B 177 21.73 2.19 1.71
CA ILE B 177 20.96 3.40 1.98
C ILE B 177 21.87 4.54 2.39
N ILE B 178 22.69 4.33 3.42
CA ILE B 178 23.55 5.43 3.88
C ILE B 178 24.54 5.89 2.83
N SER B 179 25.09 4.97 2.04
CA SER B 179 26.04 5.38 1.02
C SER B 179 25.38 6.01 -0.20
N GLY B 180 24.06 6.16 -0.21
CA GLY B 180 23.37 6.85 -1.29
C GLY B 180 23.16 6.03 -2.55
N LYS B 181 23.13 4.70 -2.45
CA LYS B 181 22.89 3.84 -3.59
C LYS B 181 21.42 3.40 -3.56
N TRP B 182 20.57 4.26 -4.10
CA TRP B 182 19.13 4.07 -4.00
C TRP B 182 18.68 2.82 -4.75
N GLU B 183 18.91 2.79 -6.07
CA GLU B 183 18.44 1.69 -6.91
C GLU B 183 18.86 0.33 -6.37
N GLU B 184 20.00 0.28 -5.68
CA GLU B 184 20.46 -0.97 -5.09
C GLU B 184 19.62 -1.36 -3.87
N ALA B 185 19.33 -0.40 -3.00
CA ALA B 185 18.61 -0.69 -1.76
C ALA B 185 17.11 -0.84 -1.99
N THR B 186 16.55 -0.12 -2.95
CA THR B 186 15.10 -0.20 -3.22
C THR B 186 14.73 -1.55 -3.81
N ARG B 187 15.35 -1.90 -4.95
CA ARG B 187 15.12 -3.19 -5.59
C ARG B 187 15.23 -4.33 -4.59
N PHE B 188 16.15 -4.20 -3.62
CA PHE B 188 16.32 -5.23 -2.59
C PHE B 188 15.18 -5.17 -1.57
N LEU B 189 14.84 -3.97 -1.09
CA LEU B 189 13.83 -3.83 -0.04
C LEU B 189 12.42 -4.13 -0.55
N HIS B 190 12.16 -3.87 -1.83
CA HIS B 190 10.85 -4.09 -2.42
C HIS B 190 10.67 -5.50 -2.95
N SER B 191 11.69 -6.35 -2.82
CA SER B 191 11.61 -7.73 -3.30
C SER B 191 10.83 -8.60 -2.32
N LYS B 192 10.20 -9.64 -2.87
CA LYS B 192 9.33 -10.53 -2.11
C LYS B 192 8.22 -9.76 -1.39
N1 O0J C . -13.19 -17.42 -13.21
C4 O0J C . -18.09 -19.05 -12.92
C5 O0J C . -17.67 -18.82 -14.23
C6 O0J C . -18.59 -18.91 -15.25
C7 O0J C . -19.91 -19.24 -14.99
C8 O0J C . -16.25 -18.54 -14.52
C10 O0J C . -14.21 -17.86 -13.96
N O0J C . -21.65 -19.92 -13.50
C O0J C . -23.61 -20.93 -12.54
O O0J C . -21.80 -20.05 -11.24
C1 O0J C . -22.28 -20.25 -12.35
C2 O0J C . -20.32 -19.50 -13.69
C3 O0J C . -19.40 -19.39 -12.66
C9 O0J C . -15.64 -18.68 -15.73
N2 O0J C . -15.42 -18.07 -13.50
S O0J C . -13.99 -18.21 -15.65
S SO4 D . -5.53 -13.25 -23.70
O1 SO4 D . -6.10 -13.03 -22.38
O2 SO4 D . -5.28 -11.96 -24.35
O3 SO4 D . -4.27 -13.98 -23.55
O4 SO4 D . -6.47 -14.02 -24.53
S SO4 E . -11.24 -26.20 -4.13
O1 SO4 E . -10.87 -24.83 -3.77
O2 SO4 E . -12.24 -26.17 -5.22
O3 SO4 E . -10.04 -26.91 -4.57
O4 SO4 E . -11.82 -26.87 -2.98
S SO4 F . -32.10 -10.31 -18.28
O1 SO4 F . -32.65 -10.29 -16.93
O2 SO4 F . -33.11 -9.84 -19.22
O3 SO4 F . -31.71 -11.68 -18.64
O4 SO4 F . -30.92 -9.43 -18.35
S SO4 G . -18.40 -14.42 -24.22
O1 SO4 G . -19.54 -14.03 -25.04
O2 SO4 G . -18.26 -13.48 -23.11
O3 SO4 G . -17.18 -14.39 -25.05
O4 SO4 G . -18.58 -15.77 -23.69
N1 O0J H . 0.01 5.87 11.21
C4 O0J H . -1.93 8.60 15.16
C5 O0J H . -2.19 9.18 13.92
C6 O0J H . -2.88 10.39 13.89
C7 O0J H . -3.34 10.97 15.06
C8 O0J H . -1.85 8.48 12.67
C10 O0J H . -0.81 6.90 11.50
N O0J H . -3.65 10.86 17.50
C O0J H . -4.83 12.18 19.14
O O0J H . -4.92 12.62 16.78
C1 O0J H . -4.48 11.92 17.70
C2 O0J H . -3.10 10.36 16.29
C3 O0J H . -2.37 9.18 16.33
C9 O0J H . -2.38 8.74 11.44
N2 O0J H . -0.94 7.42 12.70
S O0J H . -1.76 7.67 10.26
S SO4 I . -1.32 13.03 4.09
O1 SO4 I . -2.63 13.49 4.54
O2 SO4 I . -0.39 14.15 4.19
O3 SO4 I . -1.42 12.59 2.70
O4 SO4 I . -0.87 11.90 4.91
S SO4 J . 2.50 9.30 -2.19
O1 SO4 J . 1.36 10.09 -1.71
O2 SO4 J . 3.34 10.14 -3.05
O3 SO4 J . 2.03 8.13 -2.92
O4 SO4 J . 3.31 8.84 -1.05
S SO4 K . 2.63 4.05 -3.30
O1 SO4 K . 2.46 4.27 -4.74
O2 SO4 K . 2.55 5.33 -2.60
O3 SO4 K . 3.92 3.41 -3.05
O4 SO4 K . 1.57 3.16 -2.84
#